data_3T2T
#
_entry.id   3T2T
#
_cell.length_a   44.687
_cell.length_b   58.444
_cell.length_c   112.280
_cell.angle_alpha   90.00
_cell.angle_beta   90.00
_cell.angle_gamma   90.00
#
_symmetry.space_group_name_H-M   'P 21 21 21'
#
loop_
_entity.id
_entity.type
_entity.pdbx_description
1 polymer Galectin-1
2 non-polymer 'methyl 2-O-acetyl-3-O-(4-methylbenzoyl)-beta-D-talopyranoside'
3 water water
#
_entity_poly.entity_id   1
_entity_poly.type   'polypeptide(L)'
_entity_poly.pdbx_seq_one_letter_code
;MACGLVASNLNLKPGE(CME)LRVRGEVAPDAKSFVLNLGKDSNNLCLHFNPRFNAHGDANTIVCNSKDGGAWGTEQREA
VFPFQPGSVAEV(CME)ITFDQANLTVKLPDGYEFKFPNRLNLEAINYMAADGDFKIK(CME)VAFD
;
_entity_poly.pdbx_strand_id   A,B
#
# COMPACT_ATOMS: atom_id res chain seq x y z
N ALA A 2 5.45 -2.66 -10.22
CA ALA A 2 6.73 -3.13 -10.85
C ALA A 2 7.87 -2.18 -10.55
N CYS A 3 7.86 -1.01 -11.19
CA CYS A 3 8.67 0.12 -10.77
C CYS A 3 7.85 0.95 -9.79
N GLY A 4 6.54 0.88 -9.93
CA GLY A 4 5.66 1.58 -9.01
C GLY A 4 5.49 0.73 -7.77
N LEU A 5 4.56 1.17 -6.95
CA LEU A 5 4.17 0.51 -5.74
C LEU A 5 3.76 -0.96 -5.99
N VAL A 6 4.21 -1.86 -5.13
CA VAL A 6 3.70 -3.24 -5.14
C VAL A 6 3.21 -3.54 -3.73
N ALA A 7 1.98 -4.02 -3.61
CA ALA A 7 1.34 -4.33 -2.33
C ALA A 7 0.85 -5.77 -2.33
N SER A 8 1.11 -6.51 -1.27
CA SER A 8 0.55 -7.84 -1.15
C SER A 8 -0.14 -8.03 0.19
N ASN A 9 -0.85 -9.14 0.36
CA ASN A 9 -1.71 -9.39 1.53
C ASN A 9 -2.81 -8.35 1.66
N LEU A 10 -3.32 -7.86 0.54
CA LEU A 10 -4.45 -6.92 0.57
C LEU A 10 -5.72 -7.49 1.22
N ASN A 11 -6.00 -8.77 0.99
CA ASN A 11 -7.18 -9.47 1.48
C ASN A 11 -8.48 -8.71 1.15
N LEU A 12 -8.56 -8.21 -0.08
CA LEU A 12 -9.72 -7.47 -0.51
C LEU A 12 -10.80 -8.49 -0.83
N LYS A 13 -11.92 -8.43 -0.13
CA LYS A 13 -12.99 -9.43 -0.30
C LYS A 13 -14.07 -8.91 -1.22
N PRO A 14 -14.92 -9.81 -1.76
CA PRO A 14 -16.00 -9.38 -2.63
C PRO A 14 -16.86 -8.32 -1.98
N GLY A 15 -17.19 -7.27 -2.71
CA GLY A 15 -18.02 -6.19 -2.17
C GLY A 15 -17.26 -5.06 -1.51
N GLU A 16 -15.97 -5.26 -1.23
CA GLU A 16 -15.15 -4.22 -0.61
C GLU A 16 -14.59 -3.33 -1.72
N LEU A 18 -11.65 -0.85 -3.29
CA LEU A 18 -10.28 -0.37 -3.33
C LEU A 18 -10.26 0.96 -4.07
N ARG A 19 -9.75 2.01 -3.44
CA ARG A 19 -9.66 3.34 -4.05
C ARG A 19 -8.19 3.72 -4.14
N VAL A 20 -7.76 4.12 -5.33
CA VAL A 20 -6.36 4.46 -5.56
C VAL A 20 -6.36 5.82 -6.20
N ARG A 21 -5.59 6.73 -5.63
CA ARG A 21 -5.44 8.03 -6.21
C ARG A 21 -4.00 8.32 -6.50
N GLY A 22 -3.76 8.90 -7.67
CA GLY A 22 -2.40 9.08 -8.16
C GLY A 22 -2.28 10.26 -9.09
N GLU A 23 -1.04 10.69 -9.32
CA GLU A 23 -0.73 11.79 -10.21
C GLU A 23 -0.27 11.24 -11.55
N VAL A 24 -0.91 11.71 -12.63
CA VAL A 24 -0.57 11.29 -13.99
C VAL A 24 0.45 12.30 -14.50
N ALA A 25 1.62 11.81 -14.88
CA ALA A 25 2.70 12.69 -15.33
C ALA A 25 2.24 13.61 -16.49
N PRO A 26 2.77 14.84 -16.54
CA PRO A 26 2.45 15.73 -17.68
C PRO A 26 2.80 15.15 -19.04
N ASP A 27 3.80 14.28 -19.11
CA ASP A 27 4.19 13.68 -20.40
C ASP A 27 3.85 12.19 -20.43
N ALA A 28 2.79 11.81 -19.74
CA ALA A 28 2.42 10.41 -19.58
C ALA A 28 2.16 9.75 -20.93
N LYS A 29 2.64 8.53 -21.10
CA LYS A 29 2.34 7.73 -22.28
C LYS A 29 1.35 6.63 -21.94
N SER A 30 1.50 6.07 -20.74
CA SER A 30 0.57 5.06 -20.25
C SER A 30 0.86 4.71 -18.80
N PHE A 31 -0.09 4.08 -18.14
CA PHE A 31 0.15 3.52 -16.81
C PHE A 31 -0.61 2.24 -16.65
N VAL A 32 -0.20 1.45 -15.66
CA VAL A 32 -0.77 0.14 -15.43
C VAL A 32 -1.09 -0.02 -13.96
N LEU A 33 -2.25 -0.58 -13.70
CA LEU A 33 -2.58 -1.12 -12.41
C LEU A 33 -2.87 -2.59 -12.59
N ASN A 34 -2.22 -3.45 -11.83
CA ASN A 34 -2.44 -4.90 -11.90
C ASN A 34 -3.00 -5.37 -10.56
N LEU A 35 -4.05 -6.18 -10.61
CA LEU A 35 -4.64 -6.74 -9.45
C LEU A 35 -4.87 -8.21 -9.60
N GLY A 36 -4.66 -8.94 -8.52
CA GLY A 36 -4.91 -10.38 -8.54
C GLY A 36 -4.35 -11.06 -7.34
N LYS A 37 -3.77 -12.24 -7.57
CA LYS A 37 -3.17 -13.08 -6.56
C LYS A 37 -1.66 -12.86 -6.49
N ASP A 38 -1.02 -12.75 -7.64
CA ASP A 38 0.43 -12.52 -7.74
C ASP A 38 0.75 -12.09 -9.14
N SER A 39 2.04 -11.94 -9.48
CA SER A 39 2.38 -11.33 -10.77
C SER A 39 2.02 -12.22 -11.96
N ASN A 40 1.79 -13.51 -11.72
CA ASN A 40 1.39 -14.43 -12.79
C ASN A 40 -0.12 -14.69 -12.88
N ASN A 41 -0.88 -14.16 -11.94
CA ASN A 41 -2.28 -14.46 -11.82
C ASN A 41 -3.02 -13.17 -11.54
N LEU A 42 -3.39 -12.47 -12.63
CA LEU A 42 -4.04 -11.21 -12.55
C LEU A 42 -5.51 -11.29 -12.95
N CYS A 43 -6.42 -10.88 -12.07
CA CYS A 43 -7.83 -10.79 -12.46
C CYS A 43 -8.08 -9.50 -13.24
N LEU A 44 -7.15 -8.54 -13.15
CA LEU A 44 -7.28 -7.35 -13.94
C LEU A 44 -5.96 -6.67 -14.16
N HIS A 45 -5.68 -6.44 -15.42
CA HIS A 45 -4.55 -5.68 -15.86
C HIS A 45 -5.24 -4.48 -16.54
N PHE A 46 -5.06 -3.30 -15.98
CA PHE A 46 -5.81 -2.09 -16.34
C PHE A 46 -4.76 -1.12 -16.87
N ASN A 47 -4.86 -0.81 -18.17
CA ASN A 47 -3.78 -0.10 -18.87
C ASN A 47 -4.31 1.03 -19.76
N PRO A 48 -4.48 2.22 -19.17
CA PRO A 48 -4.80 3.44 -19.94
C PRO A 48 -3.61 3.87 -20.78
N ARG A 49 -3.83 3.98 -22.08
CA ARG A 49 -2.81 4.40 -23.01
C ARG A 49 -3.14 5.77 -23.54
N PHE A 50 -2.29 6.75 -23.21
CA PHE A 50 -2.48 8.12 -23.67
C PHE A 50 -1.95 8.15 -25.05
N ASN A 51 -0.76 7.60 -25.19
CA ASN A 51 -0.08 7.49 -26.47
C ASN A 51 1.01 6.43 -26.33
N ALA A 52 0.66 5.18 -26.63
CA ALA A 52 1.59 4.07 -26.45
C ALA A 52 1.16 2.87 -27.29
N HIS A 53 2.13 2.26 -27.96
CA HIS A 53 1.92 1.01 -28.73
C HIS A 53 0.89 1.18 -29.84
N GLY A 54 0.87 2.36 -30.44
CA GLY A 54 -0.05 2.68 -31.53
C GLY A 54 -1.38 3.29 -31.09
N ASP A 55 -1.74 3.13 -29.82
CA ASP A 55 -3.06 3.54 -29.32
C ASP A 55 -3.05 4.90 -28.66
N ALA A 56 -4.17 5.62 -28.80
CA ALA A 56 -4.32 6.94 -28.22
C ALA A 56 -5.61 6.96 -27.42
N ASN A 57 -5.54 7.50 -26.22
CA ASN A 57 -6.72 7.68 -25.37
C ASN A 57 -7.64 6.44 -25.42
N THR A 58 -7.06 5.30 -25.05
CA THR A 58 -7.75 4.02 -24.98
C THR A 58 -7.35 3.29 -23.71
N ILE A 59 -8.35 2.74 -23.02
CA ILE A 59 -8.14 1.81 -21.91
C ILE A 59 -8.13 0.35 -22.38
N VAL A 60 -7.01 -0.32 -22.18
CA VAL A 60 -6.87 -1.73 -22.49
C VAL A 60 -6.99 -2.49 -21.15
N CYS A 61 -7.74 -3.57 -21.16
CA CYS A 61 -7.85 -4.46 -20.05
C CYS A 61 -7.63 -5.89 -20.49
N ASN A 62 -7.10 -6.67 -19.56
CA ASN A 62 -6.88 -8.09 -19.76
C ASN A 62 -6.76 -8.77 -18.38
N SER A 63 -6.64 -10.09 -18.44
CA SER A 63 -6.30 -10.93 -17.32
C SER A 63 -5.07 -11.74 -17.66
N LYS A 64 -4.56 -12.44 -16.66
CA LYS A 64 -3.41 -13.30 -16.82
C LYS A 64 -3.64 -14.46 -15.87
N ASP A 65 -3.57 -15.66 -16.42
CA ASP A 65 -3.88 -16.85 -15.66
C ASP A 65 -2.73 -17.83 -15.80
N GLY A 66 -2.00 -18.04 -14.72
CA GLY A 66 -0.90 -18.98 -14.74
C GLY A 66 0.15 -18.55 -15.74
N GLY A 67 0.40 -17.26 -15.81
CA GLY A 67 1.35 -16.68 -16.75
C GLY A 67 0.86 -16.33 -18.16
N ALA A 68 -0.31 -16.81 -18.56
CA ALA A 68 -0.83 -16.60 -19.92
C ALA A 68 -1.82 -15.44 -19.97
N TRP A 69 -1.55 -14.42 -20.78
CA TRP A 69 -2.52 -13.37 -21.05
C TRP A 69 -3.83 -13.92 -21.62
N GLY A 70 -4.95 -13.33 -21.23
CA GLY A 70 -6.24 -13.76 -21.77
C GLY A 70 -6.55 -12.92 -23.00
N THR A 71 -7.84 -12.82 -23.29
CA THR A 71 -8.34 -12.02 -24.40
C THR A 71 -8.48 -10.56 -23.98
N GLU A 72 -7.71 -9.70 -24.66
CA GLU A 72 -7.69 -8.30 -24.39
C GLU A 72 -9.00 -7.64 -24.87
N GLN A 73 -9.39 -6.63 -24.14
CA GLN A 73 -10.56 -5.79 -24.41
C GLN A 73 -10.19 -4.32 -24.25
N ARG A 74 -10.79 -3.47 -25.09
CA ARG A 74 -10.65 -2.05 -25.01
C ARG A 74 -11.97 -1.41 -24.64
N GLU A 75 -11.92 -0.38 -23.82
CA GLU A 75 -13.11 0.40 -23.44
C GLU A 75 -13.11 1.63 -24.33
N ALA A 76 -14.24 2.27 -24.47
CA ALA A 76 -14.33 3.38 -25.42
C ALA A 76 -14.05 4.72 -24.72
N VAL A 77 -14.18 4.74 -23.40
CA VAL A 77 -14.14 6.02 -22.66
C VAL A 77 -12.75 6.26 -22.13
N PHE A 78 -12.34 7.52 -22.11
CA PHE A 78 -11.01 7.86 -21.63
C PHE A 78 -11.04 9.16 -20.84
N PRO A 79 -11.36 9.07 -19.53
CA PRO A 79 -11.51 10.25 -18.69
C PRO A 79 -10.24 10.65 -17.94
N PHE A 80 -9.07 10.39 -18.51
CA PHE A 80 -7.81 10.76 -17.86
C PHE A 80 -7.16 11.89 -18.65
N GLN A 81 -6.50 12.79 -17.93
CA GLN A 81 -5.76 13.88 -18.55
C GLN A 81 -4.31 13.87 -18.04
N PRO A 82 -3.33 14.01 -18.94
CA PRO A 82 -1.96 14.03 -18.44
C PRO A 82 -1.76 15.23 -17.53
N GLY A 83 -0.92 15.10 -16.51
CA GLY A 83 -0.64 16.22 -15.62
C GLY A 83 -1.79 16.61 -14.69
N SER A 84 -2.46 15.59 -14.15
CA SER A 84 -3.56 15.81 -13.22
C SER A 84 -3.67 14.62 -12.26
N VAL A 85 -4.46 14.79 -11.21
CA VAL A 85 -4.72 13.76 -10.23
C VAL A 85 -5.94 12.97 -10.68
N ALA A 86 -5.86 11.64 -10.62
CA ALA A 86 -6.94 10.75 -10.98
C ALA A 86 -7.18 9.76 -9.86
N GLU A 87 -8.44 9.41 -9.61
CA GLU A 87 -8.80 8.33 -8.70
C GLU A 87 -9.60 7.25 -9.46
N VAL A 88 -9.29 5.99 -9.17
CA VAL A 88 -10.01 4.84 -9.73
C VAL A 88 -10.47 4.03 -8.52
N ILE A 90 -12.23 0.29 -7.41
CA ILE A 90 -12.41 -1.09 -7.92
C ILE A 90 -13.12 -1.93 -6.87
N THR A 91 -14.10 -2.68 -7.32
CA THR A 91 -14.75 -3.70 -6.48
C THR A 91 -14.99 -4.93 -7.33
N PHE A 92 -15.26 -6.06 -6.71
CA PHE A 92 -15.55 -7.25 -7.48
C PHE A 92 -16.53 -8.14 -6.76
N ASP A 93 -17.10 -9.06 -7.54
CA ASP A 93 -17.87 -10.19 -7.06
C ASP A 93 -17.44 -11.40 -7.90
N GLN A 94 -18.18 -12.50 -7.83
CA GLN A 94 -17.83 -13.73 -8.56
C GLN A 94 -17.84 -13.55 -10.07
N ALA A 95 -18.78 -12.74 -10.57
CA ALA A 95 -18.97 -12.62 -12.02
C ALA A 95 -18.06 -11.58 -12.63
N ASN A 96 -17.90 -10.42 -11.97
CA ASN A 96 -17.26 -9.28 -12.59
C ASN A 96 -16.45 -8.43 -11.62
N LEU A 97 -15.47 -7.71 -12.18
CA LEU A 97 -14.89 -6.55 -11.53
C LEU A 97 -15.65 -5.35 -12.01
N THR A 98 -15.89 -4.39 -11.14
CA THR A 98 -16.46 -3.14 -11.58
C THR A 98 -15.44 -2.06 -11.29
N VAL A 99 -15.15 -1.27 -12.31
CA VAL A 99 -14.13 -0.26 -12.24
C VAL A 99 -14.86 1.05 -12.45
N LYS A 100 -14.76 1.91 -11.46
CA LYS A 100 -15.35 3.23 -11.54
CA LYS A 100 -15.36 3.24 -11.51
C LYS A 100 -14.25 4.27 -11.73
N LEU A 101 -14.44 5.12 -12.74
CA LEU A 101 -13.42 6.06 -13.20
C LEU A 101 -13.77 7.48 -12.83
N PRO A 102 -12.86 8.43 -13.11
CA PRO A 102 -13.20 9.83 -12.91
C PRO A 102 -14.34 10.24 -13.84
N ASP A 103 -15.08 11.26 -13.48
CA ASP A 103 -16.19 11.75 -14.31
C ASP A 103 -17.37 10.76 -14.46
N GLY A 104 -17.46 9.80 -13.54
CA GLY A 104 -18.66 8.97 -13.38
C GLY A 104 -18.72 7.68 -14.18
N TYR A 105 -17.79 7.52 -15.13
CA TYR A 105 -17.80 6.36 -16.02
C TYR A 105 -17.49 5.08 -15.23
N GLU A 106 -18.26 4.04 -15.51
CA GLU A 106 -18.12 2.77 -14.83
C GLU A 106 -18.08 1.71 -15.94
N PHE A 107 -17.25 0.68 -15.79
CA PHE A 107 -17.37 -0.48 -16.66
C PHE A 107 -17.15 -1.76 -15.88
N LYS A 108 -17.65 -2.87 -16.40
CA LYS A 108 -17.39 -4.17 -15.80
C LYS A 108 -16.43 -5.00 -16.65
N PHE A 109 -15.65 -5.84 -16.01
CA PHE A 109 -14.69 -6.72 -16.71
C PHE A 109 -14.92 -8.06 -16.09
N PRO A 110 -15.07 -9.12 -16.91
CA PRO A 110 -15.43 -10.40 -16.33
C PRO A 110 -14.31 -10.89 -15.40
N ASN A 111 -14.70 -11.49 -14.30
CA ASN A 111 -13.77 -12.18 -13.41
C ASN A 111 -13.44 -13.59 -13.93
N ARG A 112 -12.36 -13.70 -14.68
CA ARG A 112 -11.97 -14.93 -15.34
C ARG A 112 -11.24 -15.92 -14.45
N LEU A 113 -10.71 -15.44 -13.33
CA LEU A 113 -9.95 -16.29 -12.41
C LEU A 113 -10.75 -16.90 -11.28
N ASN A 114 -11.94 -16.38 -10.99
CA ASN A 114 -12.70 -16.89 -9.87
CA ASN A 114 -12.72 -16.84 -9.85
C ASN A 114 -11.87 -16.90 -8.56
N LEU A 115 -11.23 -15.77 -8.21
CA LEU A 115 -10.45 -15.71 -6.94
C LEU A 115 -11.36 -15.38 -5.74
N GLU A 116 -11.03 -15.92 -4.58
CA GLU A 116 -11.79 -15.62 -3.35
C GLU A 116 -11.53 -14.19 -2.84
N ALA A 117 -10.34 -13.68 -3.12
CA ALA A 117 -9.95 -12.40 -2.61
C ALA A 117 -8.92 -11.82 -3.54
N ILE A 118 -8.77 -10.51 -3.52
CA ILE A 118 -7.66 -9.88 -4.22
C ILE A 118 -6.57 -9.63 -3.21
N ASN A 119 -5.40 -10.20 -3.46
CA ASN A 119 -4.28 -10.07 -2.55
C ASN A 119 -3.05 -9.32 -3.05
N TYR A 120 -3.04 -8.92 -4.32
CA TYR A 120 -1.85 -8.33 -4.93
C TYR A 120 -2.25 -7.15 -5.79
N MET A 121 -1.50 -6.07 -5.67
CA MET A 121 -1.62 -4.95 -6.55
C MET A 121 -0.26 -4.39 -6.87
N ALA A 122 -0.09 -3.99 -8.13
CA ALA A 122 1.15 -3.39 -8.59
C ALA A 122 0.81 -2.27 -9.55
N ALA A 123 1.52 -1.15 -9.44
CA ALA A 123 1.36 -0.02 -10.35
C ALA A 123 2.61 0.11 -11.14
N ASP A 124 2.50 0.59 -12.39
CA ASP A 124 3.66 0.78 -13.23
C ASP A 124 3.37 1.92 -14.20
N GLY A 125 4.41 2.51 -14.76
CA GLY A 125 4.26 3.58 -15.76
C GLY A 125 4.11 4.95 -15.14
N ASP A 126 3.37 5.82 -15.82
CA ASP A 126 3.43 7.24 -15.64
C ASP A 126 2.34 7.72 -14.68
N PHE A 127 2.25 7.06 -13.52
CA PHE A 127 1.22 7.28 -12.50
C PHE A 127 1.87 7.13 -11.11
N LYS A 128 1.92 8.20 -10.33
CA LYS A 128 2.53 8.15 -9.01
C LYS A 128 1.43 8.00 -7.97
N ILE A 129 1.40 6.90 -7.22
CA ILE A 129 0.36 6.65 -6.23
C ILE A 129 0.53 7.61 -5.05
N LYS A 130 -0.55 8.30 -4.69
CA LYS A 130 -0.53 9.22 -3.56
C LYS A 130 -1.37 8.69 -2.38
N VAL A 132 -4.01 5.15 -1.07
CA VAL A 132 -4.73 3.92 -1.31
C VAL A 132 -5.61 3.71 -0.12
N ALA A 133 -6.87 3.36 -0.36
CA ALA A 133 -7.82 3.14 0.73
C ALA A 133 -8.61 1.88 0.48
N PHE A 134 -8.99 1.21 1.57
CA PHE A 134 -9.76 -0.03 1.53
C PHE A 134 -11.01 0.15 2.35
N ASP A 135 -12.17 -0.09 1.75
CA ASP A 135 -13.41 -0.02 2.52
C ASP A 135 -14.46 -1.00 1.99
N ALA B 2 4.92 -11.46 7.93
CA ALA B 2 3.85 -10.47 8.22
C ALA B 2 2.52 -10.93 7.61
N CYS B 3 1.50 -11.05 8.46
CA CYS B 3 0.15 -11.43 8.04
CA CYS B 3 0.17 -11.43 8.01
C CYS B 3 -0.56 -10.24 7.40
N GLY B 4 -0.18 -9.04 7.82
CA GLY B 4 -0.83 -7.83 7.35
C GLY B 4 -0.28 -7.40 6.02
N LEU B 5 -0.69 -6.20 5.61
CA LEU B 5 -0.29 -5.62 4.34
C LEU B 5 1.25 -5.47 4.23
N VAL B 6 1.78 -5.75 3.06
CA VAL B 6 3.21 -5.59 2.79
C VAL B 6 3.32 -4.76 1.52
N ALA B 7 4.01 -3.63 1.59
CA ALA B 7 4.13 -2.77 0.43
C ALA B 7 5.60 -2.49 0.17
N SER B 8 6.00 -2.48 -1.10
CA SER B 8 7.37 -2.19 -1.49
C SER B 8 7.39 -1.19 -2.63
N ASN B 9 8.58 -0.66 -2.90
CA ASN B 9 8.78 0.43 -3.85
C ASN B 9 8.06 1.71 -3.47
N LEU B 10 7.98 1.97 -2.17
CA LEU B 10 7.34 3.17 -1.61
C LEU B 10 8.01 4.46 -2.09
N ASN B 11 9.33 4.44 -2.11
CA ASN B 11 10.18 5.54 -2.57
C ASN B 11 9.93 6.78 -1.73
N LEU B 12 9.82 6.58 -0.42
CA LEU B 12 9.58 7.68 0.50
C LEU B 12 10.88 8.36 0.79
N LYS B 13 10.94 9.66 0.53
CA LYS B 13 12.18 10.43 0.66
CA LYS B 13 12.18 10.43 0.67
C LYS B 13 12.18 11.27 1.95
N PRO B 14 13.37 11.76 2.39
CA PRO B 14 13.42 12.57 3.60
C PRO B 14 12.46 13.75 3.57
N GLY B 15 11.81 13.99 4.70
CA GLY B 15 10.83 15.07 4.78
C GLY B 15 9.49 14.79 4.17
N GLU B 16 9.33 13.69 3.42
CA GLU B 16 7.98 13.30 2.98
C GLU B 16 7.24 12.60 4.12
N LEU B 18 4.50 9.84 5.53
CA LEU B 18 3.72 8.63 5.34
C LEU B 18 2.65 8.64 6.41
N ARG B 19 1.38 8.65 6.02
CA ARG B 19 0.25 8.55 6.94
C ARG B 19 -0.44 7.20 6.78
N VAL B 20 -0.64 6.53 7.89
CA VAL B 20 -1.25 5.22 7.94
C VAL B 20 -2.40 5.26 8.92
N ARG B 21 -3.61 4.97 8.46
CA ARG B 21 -4.77 4.85 9.36
C ARG B 21 -5.25 3.41 9.37
N GLY B 22 -5.57 2.93 10.56
CA GLY B 22 -5.99 1.54 10.74
C GLY B 22 -6.93 1.34 11.91
N GLU B 23 -7.48 0.14 11.97
CA GLU B 23 -8.34 -0.26 13.07
C GLU B 23 -7.56 -1.17 14.02
N VAL B 24 -7.56 -0.80 15.30
CA VAL B 24 -6.96 -1.63 16.35
C VAL B 24 -8.03 -2.61 16.81
N ALA B 25 -7.69 -3.89 16.78
CA ALA B 25 -8.59 -4.95 17.23
C ALA B 25 -9.16 -4.65 18.62
N PRO B 26 -10.40 -5.08 18.87
CA PRO B 26 -10.99 -4.92 20.20
C PRO B 26 -10.32 -5.82 21.25
N ASP B 27 -9.72 -6.93 20.83
CA ASP B 27 -8.98 -7.77 21.77
C ASP B 27 -7.50 -7.68 21.53
N ALA B 28 -7.04 -6.51 21.08
CA ALA B 28 -5.66 -6.34 20.65
C ALA B 28 -4.69 -6.65 21.77
N LYS B 29 -3.64 -7.40 21.43
CA LYS B 29 -2.49 -7.63 22.29
C LYS B 29 -1.29 -6.79 21.83
N SER B 30 -1.12 -6.66 20.52
CA SER B 30 0.08 -6.08 19.95
C SER B 30 -0.13 -5.85 18.48
N PHE B 31 0.62 -4.91 17.93
CA PHE B 31 0.70 -4.75 16.48
C PHE B 31 2.05 -4.19 16.15
N VAL B 32 2.44 -4.35 14.89
CA VAL B 32 3.75 -3.99 14.40
C VAL B 32 3.60 -3.26 13.08
N LEU B 33 4.29 -2.15 12.99
CA LEU B 33 4.64 -1.53 11.71
C LEU B 33 6.13 -1.59 11.48
N ASN B 34 6.54 -2.24 10.39
CA ASN B 34 7.94 -2.33 10.01
C ASN B 34 8.20 -1.41 8.82
N LEU B 35 9.23 -0.59 8.93
CA LEU B 35 9.64 0.29 7.85
C LEU B 35 11.13 0.13 7.57
N GLY B 36 11.49 0.15 6.31
CA GLY B 36 12.91 0.17 5.91
C GLY B 36 13.17 -0.03 4.44
N LYS B 37 14.26 -0.73 4.15
CA LYS B 37 14.67 -1.03 2.77
CA LYS B 37 14.68 -1.05 2.78
C LYS B 37 13.98 -2.31 2.28
N ASP B 38 13.94 -3.32 3.14
CA ASP B 38 13.37 -4.62 2.84
C ASP B 38 13.20 -5.29 4.18
N SER B 39 12.76 -6.55 4.18
CA SER B 39 12.42 -7.24 5.42
C SER B 39 13.62 -7.45 6.36
N ASN B 40 14.84 -7.42 5.82
CA ASN B 40 16.06 -7.66 6.60
C ASN B 40 16.79 -6.39 7.04
N ASN B 41 16.26 -5.25 6.60
CA ASN B 41 16.86 -3.97 6.85
C ASN B 41 15.80 -2.96 7.20
N LEU B 42 15.51 -2.88 8.48
CA LEU B 42 14.44 -2.05 9.00
C LEU B 42 15.01 -0.87 9.79
N CYS B 43 14.66 0.34 9.40
CA CYS B 43 14.99 1.55 10.16
C CYS B 43 14.00 1.73 11.31
N LEU B 44 12.82 1.15 11.20
CA LEU B 44 11.86 1.21 12.29
C LEU B 44 11.00 -0.01 12.38
N HIS B 45 11.17 -0.74 13.47
CA HIS B 45 10.21 -1.75 13.93
C HIS B 45 9.47 -1.10 15.07
N PHE B 46 8.19 -0.84 14.86
CA PHE B 46 7.35 -0.05 15.75
C PHE B 46 6.30 -0.98 16.32
N ASN B 47 6.38 -1.27 17.61
CA ASN B 47 5.59 -2.34 18.22
C ASN B 47 4.87 -1.89 19.50
N PRO B 48 3.69 -1.28 19.36
CA PRO B 48 2.81 -1.04 20.50
C PRO B 48 2.32 -2.37 21.06
N ARG B 49 2.59 -2.60 22.36
CA ARG B 49 2.17 -3.79 23.08
C ARG B 49 1.11 -3.41 24.10
N PHE B 50 -0.12 -3.86 23.87
CA PHE B 50 -1.18 -3.63 24.85
C PHE B 50 -1.00 -4.58 26.02
N ASN B 51 -0.79 -5.86 25.68
CA ASN B 51 -0.61 -6.92 26.67
C ASN B 51 0.06 -8.10 25.96
N ALA B 52 1.38 -8.03 25.86
CA ALA B 52 2.17 -8.98 25.08
C ALA B 52 3.59 -9.04 25.61
N HIS B 53 4.13 -10.25 25.74
CA HIS B 53 5.54 -10.48 26.09
C HIS B 53 5.95 -9.83 27.41
N GLY B 54 5.06 -9.84 28.40
CA GLY B 54 5.36 -9.25 29.70
C GLY B 54 5.21 -7.75 29.79
N ASP B 55 4.82 -7.11 28.68
CA ASP B 55 4.64 -5.66 28.63
C ASP B 55 3.15 -5.30 28.55
N ALA B 56 2.77 -4.28 29.29
CA ALA B 56 1.45 -3.68 29.18
C ALA B 56 1.63 -2.22 28.75
N ASN B 57 0.82 -1.79 27.78
CA ASN B 57 0.77 -0.40 27.34
C ASN B 57 2.16 0.21 27.25
N THR B 58 3.00 -0.42 26.43
CA THR B 58 4.33 0.07 26.17
C THR B 58 4.61 0.01 24.65
N ILE B 59 5.16 1.09 24.11
CA ILE B 59 5.68 1.05 22.75
C ILE B 59 7.14 0.65 22.79
N VAL B 60 7.45 -0.39 22.04
CA VAL B 60 8.83 -0.86 21.85
C VAL B 60 9.25 -0.58 20.38
N CYS B 61 10.42 0.02 20.19
CA CYS B 61 10.98 0.25 18.87
C CYS B 61 12.34 -0.40 18.74
N ASN B 62 12.67 -0.78 17.53
CA ASN B 62 14.00 -1.36 17.26
C ASN B 62 14.30 -1.18 15.78
N SER B 63 15.53 -1.52 15.38
CA SER B 63 16.00 -1.55 14.00
C SER B 63 16.49 -2.97 13.71
N LYS B 64 16.64 -3.26 12.43
CA LYS B 64 17.23 -4.50 12.00
C LYS B 64 18.20 -4.21 10.88
N ASP B 65 19.42 -4.72 11.02
CA ASP B 65 20.48 -4.40 10.07
C ASP B 65 21.06 -5.69 9.53
N GLY B 66 20.86 -5.90 8.23
CA GLY B 66 21.31 -7.14 7.59
C GLY B 66 20.89 -8.39 8.35
N GLY B 67 19.65 -8.42 8.79
CA GLY B 67 19.08 -9.56 9.51
C GLY B 67 19.24 -9.54 11.04
N ALA B 68 20.04 -8.63 11.57
CA ALA B 68 20.39 -8.63 13.00
C ALA B 68 19.64 -7.52 13.69
N TRP B 69 18.89 -7.86 14.76
CA TRP B 69 18.14 -6.84 15.50
C TRP B 69 19.10 -5.98 16.27
N GLY B 70 18.75 -4.71 16.44
CA GLY B 70 19.50 -3.82 17.32
C GLY B 70 18.99 -3.88 18.75
N THR B 71 19.30 -2.84 19.51
CA THR B 71 18.89 -2.70 20.90
C THR B 71 17.57 -1.97 20.97
N GLU B 72 16.60 -2.55 21.65
CA GLU B 72 15.27 -1.97 21.70
C GLU B 72 15.22 -0.72 22.56
N GLN B 73 14.33 0.17 22.18
CA GLN B 73 14.08 1.37 22.92
C GLN B 73 12.63 1.36 23.32
N ARG B 74 12.38 1.77 24.57
CA ARG B 74 11.02 1.79 25.07
C ARG B 74 10.55 3.21 25.33
N GLU B 75 9.35 3.54 24.81
CA GLU B 75 8.85 4.90 24.83
C GLU B 75 8.05 5.12 26.09
N ALA B 76 7.68 6.38 26.30
CA ALA B 76 7.07 6.80 27.56
C ALA B 76 5.58 7.10 27.44
N VAL B 77 5.01 7.01 26.24
CA VAL B 77 3.60 7.32 26.01
C VAL B 77 2.87 6.15 25.34
N PHE B 78 1.58 6.01 25.64
CA PHE B 78 0.75 5.01 25.00
C PHE B 78 -0.67 5.53 24.72
N PRO B 79 -0.85 6.18 23.57
CA PRO B 79 -2.16 6.76 23.30
C PRO B 79 -3.04 5.88 22.38
N PHE B 80 -2.87 4.56 22.43
CA PHE B 80 -3.76 3.67 21.69
C PHE B 80 -4.74 3.00 22.64
N GLN B 81 -5.90 2.68 22.10
CA GLN B 81 -6.96 1.98 22.81
C GLN B 81 -7.37 0.79 21.96
N PRO B 82 -7.58 -0.38 22.57
CA PRO B 82 -8.13 -1.47 21.78
C PRO B 82 -9.50 -1.09 21.23
N GLY B 83 -9.85 -1.60 20.07
CA GLY B 83 -11.19 -1.38 19.51
C GLY B 83 -11.42 -0.03 18.85
N SER B 84 -10.34 0.63 18.43
CA SER B 84 -10.44 2.01 17.97
C SER B 84 -9.66 2.21 16.66
N VAL B 85 -9.91 3.32 15.99
CA VAL B 85 -9.18 3.72 14.79
C VAL B 85 -8.03 4.60 15.22
N ALA B 86 -6.80 4.26 14.79
CA ALA B 86 -5.60 5.08 15.04
C ALA B 86 -4.95 5.51 13.74
N GLU B 87 -4.38 6.71 13.74
CA GLU B 87 -3.57 7.19 12.64
C GLU B 87 -2.14 7.46 13.12
N VAL B 88 -1.15 7.06 12.33
CA VAL B 88 0.27 7.26 12.65
C VAL B 88 0.87 7.98 11.45
N ILE B 90 4.64 9.31 9.87
CA ILE B 90 6.07 9.03 9.99
C ILE B 90 6.79 9.88 8.97
N THR B 91 7.83 10.57 9.41
CA THR B 91 8.76 11.22 8.49
C THR B 91 10.17 10.91 8.99
N PHE B 92 11.17 11.23 8.19
CA PHE B 92 12.55 10.91 8.57
C PHE B 92 13.50 11.88 7.92
N ASP B 93 14.69 11.98 8.49
CA ASP B 93 15.81 12.68 7.87
C ASP B 93 17.08 11.88 8.16
N GLN B 94 18.22 12.56 8.12
CA GLN B 94 19.54 11.92 8.26
CA GLN B 94 19.52 11.91 8.23
C GLN B 94 19.71 11.24 9.60
N ALA B 95 19.37 11.97 10.65
CA ALA B 95 19.65 11.54 12.01
C ALA B 95 18.51 10.73 12.66
N ASN B 96 17.26 11.02 12.31
CA ASN B 96 16.10 10.56 13.10
C ASN B 96 14.86 10.23 12.29
N LEU B 97 14.11 9.24 12.77
CA LEU B 97 12.70 9.09 12.40
C LEU B 97 11.86 9.82 13.41
N THR B 98 10.82 10.51 12.94
CA THR B 98 9.81 11.13 13.80
C THR B 98 8.48 10.44 13.57
N VAL B 99 7.92 9.90 14.64
CA VAL B 99 6.61 9.27 14.63
C VAL B 99 5.60 10.14 15.39
N LYS B 100 4.56 10.59 14.69
CA LYS B 100 3.46 11.35 15.30
C LYS B 100 2.29 10.40 15.50
N LEU B 101 1.78 10.37 16.73
CA LEU B 101 0.76 9.41 17.18
C LEU B 101 -0.52 10.16 17.45
N PRO B 102 -1.62 9.45 17.72
CA PRO B 102 -2.86 10.09 18.17
C PRO B 102 -2.69 11.03 19.37
N ASP B 103 -3.53 12.06 19.43
CA ASP B 103 -3.65 12.95 20.60
C ASP B 103 -2.47 13.93 20.84
N GLY B 104 -1.68 14.19 19.80
CA GLY B 104 -0.59 15.19 19.85
C GLY B 104 0.76 14.64 20.30
N TYR B 105 0.82 13.34 20.52
CA TYR B 105 2.06 12.70 20.95
C TYR B 105 3.05 12.47 19.83
N GLU B 106 4.33 12.54 20.16
CA GLU B 106 5.37 12.46 19.15
C GLU B 106 6.61 11.86 19.74
N PHE B 107 7.33 11.04 19.00
CA PHE B 107 8.64 10.69 19.47
C PHE B 107 9.62 10.47 18.36
N LYS B 108 10.87 10.41 18.76
CA LYS B 108 11.97 10.24 17.82
C LYS B 108 12.74 8.97 18.07
N PHE B 109 13.24 8.38 17.00
CA PHE B 109 14.02 7.19 17.05
C PHE B 109 15.19 7.42 16.09
N PRO B 110 16.44 7.12 16.52
CA PRO B 110 17.59 7.38 15.65
C PRO B 110 17.53 6.57 14.36
N ASN B 111 17.97 7.19 13.28
CA ASN B 111 18.11 6.54 12.00
C ASN B 111 19.44 5.77 12.00
N ARG B 112 19.38 4.52 12.45
CA ARG B 112 20.59 3.77 12.69
C ARG B 112 21.17 3.21 11.42
N LEU B 113 20.36 3.08 10.38
CA LEU B 113 20.82 2.52 9.13
C LEU B 113 21.27 3.63 8.19
N ASN B 114 21.04 4.86 8.60
CA ASN B 114 21.31 6.03 7.76
C ASN B 114 20.69 5.89 6.37
N LEU B 115 19.46 5.39 6.35
CA LEU B 115 18.76 5.25 5.08
C LEU B 115 18.36 6.62 4.56
N GLU B 116 18.42 6.75 3.25
CA GLU B 116 18.00 7.94 2.52
C GLU B 116 16.69 7.74 1.75
N ALA B 117 16.11 6.54 1.80
CA ALA B 117 14.75 6.31 1.31
C ALA B 117 14.14 5.17 2.09
N ILE B 118 12.84 5.24 2.29
CA ILE B 118 12.05 4.12 2.88
C ILE B 118 11.31 3.49 1.71
N ASN B 119 11.60 2.21 1.43
CA ASN B 119 11.01 1.52 0.30
C ASN B 119 10.10 0.38 0.64
N TYR B 120 10.05 0.03 1.91
CA TYR B 120 9.33 -1.15 2.40
C TYR B 120 8.53 -0.81 3.63
N MET B 121 7.29 -1.29 3.67
CA MET B 121 6.45 -1.16 4.83
C MET B 121 5.70 -2.46 4.98
N ALA B 122 5.62 -2.97 6.20
CA ALA B 122 4.84 -4.18 6.50
C ALA B 122 4.08 -3.99 7.80
N ALA B 123 2.88 -4.54 7.88
CA ALA B 123 2.11 -4.47 9.10
C ALA B 123 1.82 -5.87 9.59
N ASP B 124 1.68 -6.04 10.89
CA ASP B 124 1.40 -7.33 11.45
C ASP B 124 0.66 -7.13 12.76
N GLY B 125 0.02 -8.19 13.23
CA GLY B 125 -0.70 -8.19 14.48
C GLY B 125 -2.07 -7.58 14.41
N ASP B 126 -2.51 -6.98 15.51
CA ASP B 126 -3.93 -6.66 15.70
C ASP B 126 -4.27 -5.26 15.21
N PHE B 127 -3.95 -5.02 13.95
CA PHE B 127 -4.10 -3.68 13.33
C PHE B 127 -4.47 -3.85 11.85
N LYS B 128 -5.66 -3.44 11.46
CA LYS B 128 -6.09 -3.55 10.07
C LYS B 128 -5.98 -2.20 9.36
N ILE B 129 -5.10 -2.13 8.37
CA ILE B 129 -4.82 -0.89 7.62
C ILE B 129 -6.01 -0.57 6.72
N LYS B 130 -6.46 0.67 6.78
CA LYS B 130 -7.61 1.16 6.01
C LYS B 130 -7.19 2.20 4.98
N VAL B 132 -3.55 4.43 3.39
CA VAL B 132 -2.17 4.81 3.37
C VAL B 132 -2.03 5.94 2.42
N ALA B 133 -1.34 6.97 2.87
CA ALA B 133 -1.12 8.13 2.04
C ALA B 133 0.30 8.65 2.13
N PHE B 134 0.77 9.20 1.03
CA PHE B 134 2.10 9.84 0.95
C PHE B 134 1.92 11.32 0.67
N ASP B 135 2.33 12.14 1.63
CA ASP B 135 2.44 13.58 1.44
C ASP B 135 3.91 13.95 1.48
#